data_3MJ6
#
_entry.id   3MJ6
#
_cell.length_a   61.946
_cell.length_b   61.946
_cell.length_c   82.477
_cell.angle_alpha   90.00
_cell.angle_beta   90.00
_cell.angle_gamma   90.00
#
_symmetry.space_group_name_H-M   'P 43'
#
loop_
_entity.id
_entity.type
_entity.pdbx_description
1 polymer 'Junctional adhesion molecule-like'
2 branched alpha-L-fucopyranose-(1-6)-2-acetamido-2-deoxy-beta-D-glucopyranose
3 non-polymer 2-acetamido-2-deoxy-beta-D-glucopyranose
4 non-polymer 'SODIUM ION'
5 non-polymer 'FORMIC ACID'
6 water water
#
_entity_poly.entity_id   1
_entity_poly.type   'polypeptide(L)'
_entity_poly.pdbx_seq_one_letter_code
;RSQGLPGLTVSSPQLRVHVGESVLMGCVVQRTEEKHVDRVDWLFSKDKDDASEYVLFYYSNLSVPTGRFQNRSHLVGDTF
HNDGSLLLQDVQKADEGIYTCEIRLKNESMVMKKPVELWVLPEEPRDLRVRVGDTTQMRCSIQSTEEKRVTKVNWMFSSG
SHTEEETVLSYDSNMRSGKFQSLGRFRNRVDLTGDISRNDGSIKLQTVKESDQGIYTCSIYVGKLESRKTIVLHVVQDEF
QRTISPTPPTDKGQQGILNGNQHHHHHH
;
_entity_poly.pdbx_strand_id   A
#
loop_
_chem_comp.id
_chem_comp.type
_chem_comp.name
_chem_comp.formula
FMT non-polymer 'FORMIC ACID' 'C H2 O2'
FUC L-saccharide, alpha linking alpha-L-fucopyranose 'C6 H12 O5'
NA non-polymer 'SODIUM ION' 'Na 1'
NAG D-saccharide, beta linking 2-acetamido-2-deoxy-beta-D-glucopyranose 'C8 H15 N O6'
#
# COMPACT_ATOMS: atom_id res chain seq x y z
N SER A 12 -12.10 -15.99 7.65
CA SER A 12 -12.15 -14.62 7.05
C SER A 12 -10.90 -13.85 7.50
N PRO A 13 -10.13 -13.26 6.55
N PRO A 13 -10.13 -13.27 6.54
CA PRO A 13 -8.88 -12.58 6.93
CA PRO A 13 -8.91 -12.53 6.90
C PRO A 13 -9.12 -11.39 7.86
C PRO A 13 -9.17 -11.41 7.90
N GLN A 14 -8.22 -11.22 8.83
CA GLN A 14 -8.27 -10.09 9.75
C GLN A 14 -7.01 -9.26 9.62
N LEU A 15 -7.17 -8.10 9.02
CA LEU A 15 -6.07 -7.24 8.61
C LEU A 15 -6.00 -6.06 9.55
N ARG A 16 -4.86 -5.83 10.18
CA ARG A 16 -4.64 -4.59 10.94
C ARG A 16 -3.73 -3.65 10.18
N VAL A 17 -4.10 -2.37 10.20
CA VAL A 17 -3.30 -1.29 9.65
C VAL A 17 -3.33 -0.10 10.60
N HIS A 18 -2.30 0.74 10.52
CA HIS A 18 -2.25 2.02 11.19
C HIS A 18 -3.02 3.06 10.36
N VAL A 19 -3.55 4.08 11.03
CA VAL A 19 -4.17 5.23 10.37
C VAL A 19 -3.17 5.81 9.36
N GLY A 20 -3.65 6.10 8.15
CA GLY A 20 -2.79 6.64 7.10
C GLY A 20 -2.34 5.60 6.07
N GLU A 21 -2.30 4.33 6.44
CA GLU A 21 -1.82 3.28 5.56
C GLU A 21 -2.85 2.89 4.48
N SER A 22 -2.34 2.18 3.49
CA SER A 22 -3.17 1.57 2.46
C SER A 22 -3.33 0.09 2.80
N VAL A 23 -4.39 -0.49 2.27
CA VAL A 23 -4.62 -1.92 2.43
C VAL A 23 -5.24 -2.47 1.15
N LEU A 24 -4.71 -3.58 0.69
CA LEU A 24 -5.23 -4.28 -0.47
C LEU A 24 -5.98 -5.51 0.01
N MET A 25 -7.29 -5.52 -0.21
CA MET A 25 -8.13 -6.64 0.17
C MET A 25 -8.43 -7.48 -1.07
N GLY A 26 -7.90 -8.69 -1.06
CA GLY A 26 -7.99 -9.60 -2.16
C GLY A 26 -9.40 -10.10 -2.29
N CYS A 27 -9.82 -10.28 -3.53
CA CYS A 27 -11.05 -10.95 -3.88
C CYS A 27 -10.83 -11.62 -5.26
N VAL A 28 -10.21 -12.80 -5.23
CA VAL A 28 -9.81 -13.55 -6.42
C VAL A 28 -10.60 -14.85 -6.48
N VAL A 29 -11.27 -15.09 -7.59
CA VAL A 29 -12.07 -16.32 -7.75
C VAL A 29 -11.12 -17.36 -8.31
N GLN A 30 -10.97 -18.47 -7.59
CA GLN A 30 -10.09 -19.54 -8.04
C GLN A 30 -10.72 -20.34 -9.18
N ARG A 31 -10.16 -20.20 -10.38
CA ARG A 31 -10.55 -21.00 -11.54
C ARG A 31 -9.31 -21.48 -12.29
N THR A 32 -9.44 -22.54 -13.08
CA THR A 32 -8.33 -22.94 -13.93
C THR A 32 -8.28 -22.02 -15.18
N GLU A 33 -9.46 -21.60 -15.66
CA GLU A 33 -9.56 -20.67 -16.80
C GLU A 33 -9.45 -19.19 -16.35
N GLU A 34 -8.92 -18.36 -17.24
CA GLU A 34 -8.86 -16.92 -17.05
C GLU A 34 -10.15 -16.32 -17.54
N LYS A 35 -11.02 -15.92 -16.61
CA LYS A 35 -12.33 -15.41 -16.95
C LYS A 35 -12.43 -13.91 -16.66
N HIS A 36 -13.24 -13.20 -17.42
CA HIS A 36 -13.53 -11.80 -17.10
C HIS A 36 -14.45 -11.72 -15.88
N VAL A 37 -14.30 -10.63 -15.15
CA VAL A 37 -15.19 -10.27 -14.07
C VAL A 37 -16.39 -9.49 -14.62
N ASP A 38 -17.60 -10.00 -14.39
CA ASP A 38 -18.83 -9.30 -14.75
C ASP A 38 -19.27 -8.23 -13.70
N ARG A 39 -19.26 -8.61 -12.43
CA ARG A 39 -19.78 -7.79 -11.37
C ARG A 39 -18.91 -7.90 -10.14
N VAL A 40 -18.56 -6.77 -9.51
CA VAL A 40 -17.99 -6.75 -8.15
C VAL A 40 -18.64 -5.66 -7.34
N ASP A 41 -19.03 -5.99 -6.10
CA ASP A 41 -19.48 -5.00 -5.13
C ASP A 41 -18.65 -5.17 -3.88
N TRP A 42 -18.19 -4.05 -3.33
CA TRP A 42 -17.55 -3.99 -2.02
C TRP A 42 -18.40 -3.15 -1.12
N LEU A 43 -18.84 -3.73 0.00
CA LEU A 43 -19.74 -3.08 0.96
C LEU A 43 -19.08 -3.03 2.34
N PHE A 44 -19.27 -1.92 3.05
CA PHE A 44 -18.70 -1.71 4.37
C PHE A 44 -19.80 -1.68 5.44
N SER A 45 -19.59 -2.45 6.50
CA SER A 45 -20.36 -2.30 7.73
C SER A 45 -19.43 -2.24 8.96
N LYS A 46 -19.71 -1.30 9.89
CA LYS A 46 -18.91 -1.10 11.15
C LYS A 46 -19.00 -2.23 12.16
N ASP A 47 -20.18 -2.63 12.60
CA ASP A 47 -20.36 -4.01 13.11
C ASP A 47 -21.16 -4.63 11.99
N LYS A 48 -22.27 -5.31 12.25
CA LYS A 48 -23.34 -5.29 11.25
C LYS A 48 -23.67 -3.82 11.27
N ASP A 49 -24.04 -3.34 12.47
CA ASP A 49 -24.24 -1.93 12.82
C ASP A 49 -25.69 -1.64 12.62
N ASP A 50 -26.41 -2.65 12.12
CA ASP A 50 -27.57 -2.39 11.29
C ASP A 50 -27.41 -1.46 10.07
N ALA A 51 -26.19 -0.96 9.82
CA ALA A 51 -25.93 -0.13 8.64
C ALA A 51 -24.73 -0.55 7.77
N SER A 52 -24.89 -0.30 6.49
CA SER A 52 -23.83 -0.46 5.55
C SER A 52 -23.70 0.71 4.58
N GLU A 53 -22.60 0.71 3.87
CA GLU A 53 -22.33 1.69 2.85
C GLU A 53 -21.46 1.10 1.79
N TYR A 54 -21.67 1.52 0.55
CA TYR A 54 -20.81 1.07 -0.57
C TYR A 54 -19.44 1.69 -0.53
N VAL A 55 -18.44 0.85 -0.78
CA VAL A 55 -17.08 1.30 -0.97
C VAL A 55 -16.94 1.52 -2.50
N LEU A 56 -17.34 0.51 -3.26
CA LEU A 56 -17.24 0.55 -4.70
C LEU A 56 -18.17 -0.52 -5.28
N PHE A 57 -18.77 -0.22 -6.43
CA PHE A 57 -19.39 -1.22 -7.28
C PHE A 57 -18.85 -1.19 -8.71
N TYR A 58 -18.97 -2.31 -9.40
CA TYR A 58 -18.46 -2.47 -10.74
C TYR A 58 -19.44 -3.33 -11.50
N TYR A 59 -19.86 -2.84 -12.68
CA TYR A 59 -20.74 -3.53 -13.59
C TYR A 59 -20.47 -2.94 -14.96
N SER A 60 -20.74 -3.71 -16.01
CA SER A 60 -20.56 -3.29 -17.40
C SER A 60 -19.23 -2.63 -17.66
N ASN A 61 -18.15 -3.23 -17.15
CA ASN A 61 -16.76 -2.76 -17.37
C ASN A 61 -16.42 -1.40 -16.76
N LEU A 62 -17.18 -0.97 -15.76
CA LEU A 62 -16.89 0.29 -15.10
C LEU A 62 -16.94 0.21 -13.58
N SER A 63 -15.87 0.64 -12.90
CA SER A 63 -15.91 0.73 -11.45
C SER A 63 -16.39 2.09 -11.05
N VAL A 64 -17.15 2.10 -9.98
CA VAL A 64 -17.64 3.34 -9.41
C VAL A 64 -17.41 3.36 -7.89
N PRO A 65 -16.24 3.83 -7.47
N PRO A 65 -16.24 3.85 -7.46
CA PRO A 65 -16.00 4.18 -6.06
CA PRO A 65 -16.06 4.09 -6.03
C PRO A 65 -17.07 5.18 -5.60
C PRO A 65 -17.04 5.16 -5.59
N THR A 66 -17.53 5.00 -4.36
CA THR A 66 -18.73 5.72 -3.90
C THR A 66 -18.51 6.31 -2.52
N GLY A 67 -19.26 7.37 -2.26
CA GLY A 67 -19.42 7.92 -0.92
C GLY A 67 -18.14 8.44 -0.32
N ARG A 68 -17.94 8.12 0.95
CA ARG A 68 -16.75 8.57 1.59
C ARG A 68 -15.53 7.77 1.20
N PHE A 69 -15.70 6.81 0.32
CA PHE A 69 -14.57 6.07 -0.22
C PHE A 69 -14.22 6.56 -1.64
N GLN A 70 -14.92 7.58 -2.11
CA GLN A 70 -14.95 7.89 -3.52
C GLN A 70 -13.57 8.24 -4.08
N ASN A 71 -12.72 8.82 -3.25
CA ASN A 71 -11.40 9.23 -3.67
C ASN A 71 -10.24 8.39 -3.16
N ARG A 72 -10.53 7.36 -2.40
CA ARG A 72 -9.52 6.57 -1.70
C ARG A 72 -9.57 5.12 -2.11
N SER A 73 -10.53 4.72 -2.94
CA SER A 73 -10.78 3.30 -3.18
C SER A 73 -10.70 2.98 -4.68
N HIS A 74 -10.18 1.78 -4.99
CA HIS A 74 -9.83 1.45 -6.38
C HIS A 74 -9.91 -0.02 -6.55
N LEU A 75 -10.44 -0.42 -7.70
CA LEU A 75 -10.50 -1.82 -8.09
C LEU A 75 -9.19 -2.07 -8.74
N VAL A 76 -8.32 -2.82 -8.08
CA VAL A 76 -6.95 -3.05 -8.59
C VAL A 76 -6.80 -4.47 -9.10
N GLY A 77 -7.80 -5.30 -8.91
CA GLY A 77 -7.72 -6.63 -9.42
C GLY A 77 -7.76 -6.65 -10.93
N ASP A 78 -7.12 -7.64 -11.53
CA ASP A 78 -7.22 -7.89 -12.96
C ASP A 78 -8.63 -8.41 -13.32
N THR A 79 -9.48 -7.51 -13.80
CA THR A 79 -10.83 -7.87 -14.21
C THR A 79 -10.93 -8.70 -15.53
N PHE A 80 -9.80 -9.06 -16.14
CA PHE A 80 -9.79 -10.08 -17.20
C PHE A 80 -9.23 -11.44 -16.73
N HIS A 81 -8.90 -11.53 -15.43
CA HIS A 81 -8.35 -12.74 -14.84
C HIS A 81 -8.93 -12.90 -13.43
N ASN A 82 -10.27 -12.93 -13.34
CA ASN A 82 -10.97 -13.43 -12.14
C ASN A 82 -10.79 -12.66 -10.84
N ASP A 83 -10.46 -11.38 -10.93
CA ASP A 83 -9.90 -10.66 -9.79
C ASP A 83 -10.61 -9.35 -9.56
N GLY A 84 -11.31 -9.24 -8.43
CA GLY A 84 -11.96 -8.01 -8.03
C GLY A 84 -11.38 -7.35 -6.79
N SER A 85 -10.07 -7.48 -6.59
CA SER A 85 -9.39 -6.95 -5.39
C SER A 85 -9.44 -5.41 -5.31
N LEU A 86 -9.51 -4.92 -4.07
CA LEU A 86 -9.68 -3.52 -3.75
C LEU A 86 -8.43 -2.97 -3.05
N LEU A 87 -8.04 -1.77 -3.46
CA LEU A 87 -7.06 -0.99 -2.75
C LEU A 87 -7.78 0.15 -2.07
N LEU A 88 -7.69 0.21 -0.74
CA LEU A 88 -8.18 1.35 0.03
C LEU A 88 -6.98 2.10 0.57
N GLN A 89 -6.94 3.40 0.30
CA GLN A 89 -5.89 4.27 0.68
C GLN A 89 -6.29 5.16 1.87
N ASP A 90 -5.25 5.67 2.55
CA ASP A 90 -5.42 6.62 3.64
C ASP A 90 -6.49 6.16 4.64
N VAL A 91 -6.32 4.94 5.15
CA VAL A 91 -7.25 4.35 6.09
C VAL A 91 -7.43 5.24 7.32
N GLN A 92 -8.68 5.36 7.73
CA GLN A 92 -9.01 6.17 8.90
CA GLN A 92 -9.11 6.19 8.84
C GLN A 92 -9.72 5.28 9.90
N LYS A 93 -9.83 5.77 11.13
CA LYS A 93 -10.43 4.97 12.20
C LYS A 93 -11.87 4.58 11.86
N ALA A 94 -12.59 5.49 11.20
CA ALA A 94 -13.96 5.24 10.73
C ALA A 94 -14.05 4.15 9.67
N ASP A 95 -12.91 3.67 9.15
CA ASP A 95 -12.85 2.59 8.15
C ASP A 95 -12.78 1.21 8.79
N GLU A 96 -12.72 1.16 10.12
CA GLU A 96 -12.68 -0.10 10.88
C GLU A 96 -14.02 -0.85 10.86
N GLY A 97 -13.98 -2.11 10.44
CA GLY A 97 -15.18 -2.92 10.35
C GLY A 97 -15.00 -3.95 9.28
N ILE A 98 -16.10 -4.33 8.64
CA ILE A 98 -16.12 -5.48 7.75
C ILE A 98 -16.40 -5.07 6.32
N TYR A 99 -15.55 -5.54 5.39
CA TYR A 99 -15.65 -5.30 3.98
C TYR A 99 -16.03 -6.63 3.35
N THR A 100 -17.15 -6.63 2.62
CA THR A 100 -17.60 -7.84 1.96
C THR A 100 -17.52 -7.63 0.44
N CYS A 101 -16.79 -8.51 -0.23
CA CYS A 101 -16.73 -8.55 -1.66
C CYS A 101 -17.76 -9.58 -2.14
N GLU A 102 -18.61 -9.16 -3.07
CA GLU A 102 -19.46 -10.06 -3.86
C GLU A 102 -19.02 -9.96 -5.32
N ILE A 103 -18.69 -11.08 -5.93
CA ILE A 103 -18.07 -11.07 -7.26
C ILE A 103 -18.66 -12.19 -8.12
N ARG A 104 -19.06 -11.87 -9.35
CA ARG A 104 -19.50 -12.85 -10.33
C ARG A 104 -18.67 -12.71 -11.59
N LEU A 105 -18.28 -13.86 -12.13
CA LEU A 105 -17.46 -13.91 -13.32
C LEU A 105 -18.33 -14.02 -14.54
N LYS A 106 -17.79 -13.56 -15.65
CA LYS A 106 -18.40 -13.68 -16.96
C LYS A 106 -18.72 -15.12 -17.27
N ASN A 107 -19.98 -15.33 -17.68
CA ASN A 107 -20.48 -16.63 -18.08
C ASN A 107 -20.68 -17.58 -16.91
N GLU A 108 -20.79 -17.04 -15.70
CA GLU A 108 -21.10 -17.83 -14.52
C GLU A 108 -22.31 -17.24 -13.81
N SER A 109 -23.06 -18.10 -13.15
CA SER A 109 -24.22 -17.69 -12.37
C SER A 109 -23.90 -17.57 -10.88
N MET A 110 -22.88 -18.28 -10.41
CA MET A 110 -22.54 -18.31 -8.98
C MET A 110 -21.85 -17.03 -8.59
N VAL A 111 -22.12 -16.57 -7.37
CA VAL A 111 -21.50 -15.39 -6.80
C VAL A 111 -20.65 -15.80 -5.59
N MET A 112 -19.39 -15.39 -5.60
CA MET A 112 -18.52 -15.55 -4.44
C MET A 112 -18.68 -14.36 -3.50
N LYS A 113 -18.76 -14.64 -2.20
CA LYS A 113 -18.92 -13.62 -1.16
C LYS A 113 -17.85 -13.84 -0.11
N LYS A 114 -17.04 -12.81 0.09
CA LYS A 114 -15.84 -12.90 0.87
C LYS A 114 -15.77 -11.74 1.85
N PRO A 115 -16.03 -12.00 3.13
CA PRO A 115 -15.82 -10.91 4.09
C PRO A 115 -14.36 -10.78 4.55
N VAL A 116 -13.92 -9.53 4.75
CA VAL A 116 -12.57 -9.19 5.24
C VAL A 116 -12.75 -8.21 6.42
N GLU A 117 -12.14 -8.49 7.54
CA GLU A 117 -12.19 -7.57 8.67
C GLU A 117 -10.97 -6.66 8.71
N LEU A 118 -11.21 -5.36 8.84
CA LEU A 118 -10.17 -4.36 8.94
C LEU A 118 -10.16 -3.73 10.34
N TRP A 119 -9.01 -3.84 11.02
CA TRP A 119 -8.79 -3.26 12.34
C TRP A 119 -7.81 -2.12 12.18
N VAL A 120 -8.05 -1.00 12.84
CA VAL A 120 -7.25 0.21 12.63
C VAL A 120 -6.58 0.59 13.94
N LEU A 121 -5.25 0.63 13.92
CA LEU A 121 -4.44 1.03 15.07
C LEU A 121 -4.13 2.53 14.93
N PRO A 122 -3.69 3.20 16.03
CA PRO A 122 -3.30 4.60 15.93
C PRO A 122 -2.25 4.85 14.85
N GLU A 123 -2.26 6.06 14.29
CA GLU A 123 -1.28 6.44 13.26
C GLU A 123 0.16 6.29 13.76
N GLU A 124 1.07 5.89 12.89
CA GLU A 124 2.49 5.84 13.25
C GLU A 124 3.06 7.25 13.47
N PRO A 125 3.99 7.39 14.41
CA PRO A 125 4.65 8.67 14.50
C PRO A 125 5.33 9.04 13.18
N ARG A 126 5.26 10.32 12.86
CA ARG A 126 5.92 10.89 11.71
C ARG A 126 7.43 10.84 11.89
N ASP A 127 7.90 11.04 13.13
CA ASP A 127 9.34 11.14 13.41
C ASP A 127 9.98 9.78 13.80
N LEU A 128 11.16 9.56 13.30
CA LEU A 128 11.99 8.40 13.65
C LEU A 128 13.30 8.93 14.16
N ARG A 129 13.61 8.59 15.41
CA ARG A 129 14.79 9.07 16.11
C ARG A 129 15.97 8.06 16.03
N VAL A 130 17.12 8.53 15.56
CA VAL A 130 18.30 7.69 15.35
CA VAL A 130 18.31 7.69 15.35
C VAL A 130 19.55 8.43 15.86
N ARG A 131 20.50 7.70 16.42
CA ARG A 131 21.75 8.29 16.89
C ARG A 131 22.77 8.22 15.77
N VAL A 132 23.69 9.19 15.74
CA VAL A 132 24.74 9.23 14.75
C VAL A 132 25.49 7.90 14.85
N GLY A 133 25.75 7.29 13.69
CA GLY A 133 26.57 6.10 13.65
C GLY A 133 25.74 4.84 13.66
N ASP A 134 24.46 4.94 13.99
CA ASP A 134 23.60 3.76 14.04
C ASP A 134 23.01 3.43 12.67
N THR A 135 22.44 2.24 12.61
CA THR A 135 21.76 1.76 11.45
C THR A 135 20.27 1.85 11.76
N THR A 136 19.47 2.15 10.75
CA THR A 136 18.03 2.12 10.88
C THR A 136 17.33 1.56 9.65
N GLN A 137 16.08 1.21 9.83
CA GLN A 137 15.21 0.79 8.76
C GLN A 137 14.23 1.92 8.54
N MET A 138 13.85 2.10 7.29
CA MET A 138 12.70 2.89 6.96
C MET A 138 11.72 2.03 6.21
N ARG A 139 10.57 1.86 6.83
CA ARG A 139 9.63 0.85 6.45
C ARG A 139 8.55 1.46 5.61
N CYS A 140 8.12 0.72 4.59
CA CYS A 140 7.06 1.08 3.67
C CYS A 140 6.53 -0.18 2.96
N SER A 141 5.29 -0.54 3.19
CA SER A 141 4.75 -1.77 2.65
C SER A 141 3.25 -1.64 2.60
N ILE A 142 2.59 -2.36 1.72
CA ILE A 142 1.14 -2.37 1.71
C ILE A 142 0.64 -3.65 2.37
N GLN A 143 -0.25 -3.51 3.35
CA GLN A 143 -0.98 -4.62 3.97
C GLN A 143 -1.91 -5.23 2.92
N SER A 144 -1.74 -6.53 2.73
CA SER A 144 -2.32 -7.23 1.62
C SER A 144 -2.46 -8.72 1.92
N THR A 145 -3.56 -9.30 1.45
CA THR A 145 -3.78 -10.73 1.40
C THR A 145 -3.18 -11.38 0.12
N GLU A 146 -2.73 -10.56 -0.81
CA GLU A 146 -2.29 -11.03 -2.11
C GLU A 146 -0.83 -10.67 -2.38
N GLU A 147 -0.10 -11.61 -2.97
CA GLU A 147 1.31 -11.43 -3.28
C GLU A 147 1.51 -10.62 -4.55
N LYS A 148 2.68 -10.00 -4.69
CA LYS A 148 3.11 -9.46 -5.97
C LYS A 148 2.13 -8.40 -6.53
N ARG A 149 1.63 -7.55 -5.68
CA ARG A 149 0.78 -6.47 -6.16
C ARG A 149 1.53 -5.18 -6.38
N VAL A 150 2.54 -4.93 -5.57
CA VAL A 150 3.41 -3.75 -5.76
C VAL A 150 4.28 -3.84 -7.02
N THR A 151 4.18 -2.79 -7.84
CA THR A 151 4.85 -2.72 -9.14
C THR A 151 6.07 -1.76 -9.09
N LYS A 152 6.09 -0.81 -8.14
CA LYS A 152 7.15 0.20 -8.09
C LYS A 152 7.29 0.73 -6.67
N VAL A 153 8.53 0.97 -6.27
CA VAL A 153 8.88 1.64 -5.01
C VAL A 153 9.96 2.69 -5.32
N ASN A 154 9.77 3.90 -4.81
CA ASN A 154 10.71 5.00 -5.00
C ASN A 154 10.87 5.67 -3.63
N TRP A 155 12.11 5.79 -3.16
CA TRP A 155 12.44 6.57 -1.98
C TRP A 155 13.15 7.85 -2.37
N MET A 156 12.71 8.97 -1.83
CA MET A 156 13.31 10.28 -2.05
C MET A 156 13.70 10.85 -0.73
N PHE A 157 14.65 11.77 -0.77
CA PHE A 157 15.12 12.51 0.39
C PHE A 157 15.18 14.01 0.11
N SER A 158 14.77 14.77 1.12
CA SER A 158 15.03 16.17 1.19
C SER A 158 15.45 16.56 2.61
N SER A 159 16.45 17.42 2.76
CA SER A 159 16.65 18.10 4.03
C SER A 159 15.84 19.42 4.05
N GLY A 160 15.85 20.14 5.16
CA GLY A 160 15.20 21.50 5.23
C GLY A 160 15.72 22.53 4.21
N SER A 161 17.00 22.39 3.86
CA SER A 161 17.74 23.26 2.91
C SER A 161 17.75 22.81 1.43
N HIS A 162 17.05 21.73 1.09
CA HIS A 162 17.07 21.27 -0.31
C HIS A 162 16.18 22.12 -1.22
N THR A 163 16.73 22.41 -2.38
CA THR A 163 15.97 22.99 -3.49
C THR A 163 15.23 21.87 -4.21
N GLU A 164 15.75 20.65 -4.09
CA GLU A 164 15.20 19.49 -4.79
C GLU A 164 15.40 18.21 -3.97
N GLU A 165 14.40 17.35 -4.05
CA GLU A 165 14.50 15.99 -3.63
C GLU A 165 15.60 15.25 -4.37
N GLU A 166 16.27 14.34 -3.69
CA GLU A 166 17.17 13.45 -4.37
C GLU A 166 16.72 12.01 -4.16
N THR A 167 17.08 11.14 -5.11
CA THR A 167 16.63 9.75 -5.10
C THR A 167 17.53 8.93 -4.14
N VAL A 168 16.92 8.25 -3.20
CA VAL A 168 17.64 7.37 -2.26
C VAL A 168 17.74 5.97 -2.84
N LEU A 169 16.59 5.45 -3.25
CA LEU A 169 16.50 4.10 -3.82
C LEU A 169 15.26 4.02 -4.65
N SER A 170 15.36 3.31 -5.77
CA SER A 170 14.25 3.11 -6.66
C SER A 170 14.23 1.67 -7.21
N TYR A 171 13.05 1.09 -7.21
CA TYR A 171 12.84 -0.23 -7.76
C TYR A 171 11.58 -0.19 -8.64
N ASP A 172 11.68 -0.65 -9.87
CA ASP A 172 10.53 -0.71 -10.75
C ASP A 172 10.41 -2.10 -11.34
N SER A 173 9.31 -2.78 -11.00
CA SER A 173 9.11 -4.18 -11.38
C SER A 173 8.86 -4.38 -12.88
N ASN A 174 8.50 -3.31 -13.58
CA ASN A 174 8.19 -3.35 -15.01
C ASN A 174 9.36 -2.82 -15.88
N MET A 175 10.56 -2.80 -15.32
CA MET A 175 11.77 -2.50 -16.05
C MET A 175 12.66 -3.72 -15.96
N ARG A 176 13.43 -3.98 -17.02
CA ARG A 176 14.55 -4.92 -16.96
C ARG A 176 15.60 -4.43 -15.96
N SER A 177 15.72 -3.10 -15.85
CA SER A 177 16.69 -2.45 -14.92
C SER A 177 16.54 -2.92 -13.47
N GLY A 178 15.35 -2.84 -12.93
CA GLY A 178 15.12 -3.27 -11.55
C GLY A 178 15.44 -2.26 -10.46
N LYS A 179 16.70 -2.27 -9.97
CA LYS A 179 16.99 -1.55 -8.73
C LYS A 179 18.06 -0.48 -8.88
N PHE A 180 17.75 0.76 -8.51
CA PHE A 180 18.76 1.84 -8.50
C PHE A 180 18.98 2.28 -7.07
N GLN A 181 20.26 2.38 -6.67
CA GLN A 181 20.66 2.93 -5.35
C GLN A 181 21.42 4.21 -5.52
N SER A 182 21.26 5.12 -4.57
CA SER A 182 21.91 6.44 -4.58
C SER A 182 23.40 6.38 -4.87
N LEU A 183 23.87 7.23 -5.76
CA LEU A 183 25.32 7.37 -6.04
C LEU A 183 25.87 8.69 -5.48
N GLY A 184 25.05 9.35 -4.66
CA GLY A 184 25.35 10.63 -4.03
C GLY A 184 25.47 10.41 -2.53
N ARG A 185 24.68 11.11 -1.72
CA ARG A 185 24.95 11.09 -0.30
C ARG A 185 24.74 9.77 0.38
N PHE A 186 23.93 8.91 -0.18
CA PHE A 186 23.62 7.62 0.41
C PHE A 186 24.40 6.49 -0.23
N ARG A 187 25.40 6.80 -1.04
CA ARG A 187 26.11 5.74 -1.79
C ARG A 187 26.72 4.74 -0.81
N ASN A 188 26.47 3.47 -1.10
CA ASN A 188 26.94 2.34 -0.31
C ASN A 188 26.34 2.19 1.09
N ARG A 189 25.38 3.02 1.45
CA ARG A 189 24.77 2.96 2.77
C ARG A 189 23.30 2.58 2.76
N VAL A 190 22.70 2.39 1.58
CA VAL A 190 21.27 2.04 1.47
CA VAL A 190 21.28 2.04 1.47
C VAL A 190 21.07 0.71 0.70
N ASP A 191 20.13 -0.12 1.17
CA ASP A 191 19.69 -1.27 0.44
C ASP A 191 18.25 -1.62 0.80
N LEU A 192 17.62 -2.37 -0.10
CA LEU A 192 16.25 -2.83 0.11
C LEU A 192 16.29 -3.93 1.17
N THR A 193 15.47 -3.82 2.19
CA THR A 193 15.32 -4.96 3.09
C THR A 193 13.99 -5.70 2.83
N GLY A 194 13.01 -4.98 2.26
CA GLY A 194 11.75 -5.56 1.92
C GLY A 194 11.81 -6.50 0.73
N ASP A 195 10.94 -7.50 0.72
CA ASP A 195 10.69 -8.35 -0.42
C ASP A 195 9.55 -7.70 -1.21
N ILE A 196 9.86 -7.18 -2.40
CA ILE A 196 8.89 -6.47 -3.22
C ILE A 196 7.78 -7.43 -3.66
N SER A 197 8.11 -8.70 -3.80
CA SER A 197 7.13 -9.69 -4.17
C SER A 197 6.14 -9.92 -3.08
N ARG A 198 6.42 -9.43 -1.86
CA ARG A 198 5.53 -9.49 -0.72
C ARG A 198 5.07 -8.09 -0.29
N ASN A 199 5.19 -7.16 -1.24
CA ASN A 199 4.64 -5.84 -1.19
C ASN A 199 5.34 -4.93 -0.21
N ASP A 200 6.65 -5.15 -0.04
CA ASP A 200 7.41 -4.50 0.98
C ASP A 200 8.59 -3.74 0.34
N GLY A 201 8.59 -2.42 0.55
CA GLY A 201 9.61 -1.56 -0.02
C GLY A 201 10.59 -1.01 0.98
N SER A 202 10.69 -1.67 2.13
CA SER A 202 11.49 -1.17 3.25
C SER A 202 12.97 -1.15 2.89
N ILE A 203 13.65 -0.10 3.34
CA ILE A 203 15.09 0.04 3.18
C ILE A 203 15.83 0.12 4.50
N LYS A 204 17.13 -0.17 4.44
CA LYS A 204 18.03 0.00 5.55
C LYS A 204 19.01 1.14 5.23
N LEU A 205 19.25 2.02 6.20
CA LEU A 205 20.24 3.11 6.13
C LEU A 205 21.31 2.87 7.18
N GLN A 206 22.56 2.69 6.74
CA GLN A 206 23.65 2.33 7.62
C GLN A 206 24.49 3.54 8.01
N THR A 207 25.15 3.41 9.16
CA THR A 207 26.05 4.45 9.71
C THR A 207 25.52 5.86 9.44
N VAL A 208 24.36 6.11 10.05
CA VAL A 208 23.68 7.38 9.97
C VAL A 208 24.57 8.56 10.38
N LYS A 209 24.47 9.63 9.60
CA LYS A 209 25.19 10.92 9.82
C LYS A 209 24.17 12.02 10.15
N GLU A 210 24.65 13.11 10.75
CA GLU A 210 23.82 14.27 11.05
C GLU A 210 23.23 14.87 9.79
N SER A 211 23.97 14.80 8.71
CA SER A 211 23.51 15.34 7.44
C SER A 211 22.47 14.48 6.75
N ASP A 212 22.26 13.27 7.25
CA ASP A 212 21.10 12.45 6.84
C ASP A 212 19.76 12.91 7.43
N GLN A 213 19.79 13.90 8.35
CA GLN A 213 18.56 14.42 8.93
C GLN A 213 17.64 15.12 7.88
N GLY A 214 16.34 14.81 7.90
CA GLY A 214 15.44 15.27 6.84
C GLY A 214 14.20 14.40 6.65
N ILE A 215 13.52 14.63 5.52
CA ILE A 215 12.28 13.95 5.16
C ILE A 215 12.56 12.91 4.10
N TYR A 216 12.22 11.66 4.45
CA TYR A 216 12.26 10.53 3.54
C TYR A 216 10.84 10.21 3.09
N THR A 217 10.67 10.10 1.79
CA THR A 217 9.36 9.81 1.19
C THR A 217 9.39 8.49 0.38
N CYS A 218 8.44 7.61 0.65
CA CYS A 218 8.26 6.40 -0.13
C CYS A 218 6.99 6.52 -0.94
N SER A 219 7.14 6.37 -2.25
CA SER A 219 6.02 6.22 -3.12
C SER A 219 6.01 4.73 -3.47
N ILE A 220 4.94 4.06 -3.06
CA ILE A 220 4.79 2.63 -3.29
C ILE A 220 3.54 2.42 -4.16
N TYR A 221 3.74 1.80 -5.33
CA TYR A 221 2.71 1.78 -6.36
C TYR A 221 2.10 0.39 -6.53
N VAL A 222 0.79 0.37 -6.71
CA VAL A 222 0.10 -0.83 -7.15
C VAL A 222 -0.42 -0.42 -8.51
N GLY A 223 0.26 -0.79 -9.56
CA GLY A 223 -0.05 -0.21 -10.88
C GLY A 223 0.29 1.29 -10.94
N LYS A 224 -0.58 2.07 -11.55
CA LYS A 224 -0.35 3.50 -11.56
C LYS A 224 -0.77 4.19 -10.26
N LEU A 225 -1.35 3.45 -9.30
CA LEU A 225 -1.85 4.03 -8.05
C LEU A 225 -0.75 4.10 -7.00
N GLU A 226 -0.47 5.31 -6.57
CA GLU A 226 0.56 5.59 -5.64
C GLU A 226 -0.04 5.71 -4.24
N SER A 227 0.62 5.06 -3.28
CA SER A 227 0.43 5.35 -1.90
C SER A 227 1.75 5.99 -1.43
N ARG A 228 1.65 7.01 -0.60
CA ARG A 228 2.82 7.77 -0.18
C ARG A 228 3.00 7.81 1.35
N LYS A 229 4.23 7.62 1.78
CA LYS A 229 4.57 7.62 3.20
C LYS A 229 5.68 8.62 3.48
N THR A 230 5.52 9.41 4.54
CA THR A 230 6.57 10.34 4.96
C THR A 230 7.24 9.91 6.30
N ILE A 231 8.56 9.88 6.33
CA ILE A 231 9.29 9.67 7.56
C ILE A 231 10.19 10.88 7.81
N VAL A 232 10.09 11.47 8.98
CA VAL A 232 11.05 12.52 9.38
C VAL A 232 12.14 11.82 10.22
N LEU A 233 13.38 11.85 9.69
CA LEU A 233 14.52 11.31 10.38
C LEU A 233 15.16 12.38 11.22
N HIS A 234 15.06 12.15 12.53
CA HIS A 234 15.60 13.03 13.50
C HIS A 234 16.87 12.38 14.02
N VAL A 235 18.01 13.00 13.75
CA VAL A 235 19.32 12.49 14.12
C VAL A 235 19.80 13.21 15.36
N VAL A 236 20.03 12.43 16.42
CA VAL A 236 20.34 12.95 17.72
C VAL A 236 21.72 12.48 18.20
N GLN A 237 22.21 13.10 19.27
CA GLN A 237 23.53 12.77 19.84
C GLN A 237 23.44 11.73 20.99
N ASP A 238 24.59 11.48 21.64
CA ASP A 238 24.86 10.30 22.49
C ASP A 238 24.31 9.00 21.92
C1 NAG B . -20.74 -20.30 -21.00
C2 NAG B . -20.28 -20.81 -22.38
C3 NAG B . -20.90 -22.13 -22.83
C4 NAG B . -20.94 -23.14 -21.68
C5 NAG B . -21.65 -22.57 -20.45
C6 NAG B . -21.49 -23.57 -19.28
C7 NAG B . -19.66 -19.55 -24.43
C8 NAG B . -19.85 -20.30 -25.72
N2 NAG B . -20.51 -19.79 -23.42
O3 NAG B . -20.13 -22.70 -23.88
O4 NAG B . -21.54 -24.35 -22.15
O5 NAG B . -21.07 -21.32 -20.06
O6 NAG B . -22.36 -23.38 -18.16
O7 NAG B . -18.74 -18.73 -24.34
C1 FUC B . -22.18 -24.47 -17.22
C2 FUC B . -21.92 -23.98 -15.77
C3 FUC B . -23.12 -23.88 -14.82
C4 FUC B . -24.42 -24.63 -15.24
C5 FUC B . -24.47 -25.05 -16.73
C6 FUC B . -25.46 -26.18 -16.97
O2 FUC B . -21.24 -22.73 -15.77
O3 FUC B . -22.70 -24.27 -13.53
O4 FUC B . -24.67 -25.74 -14.39
O5 FUC B . -23.21 -25.45 -17.24
C1 NAG C . -16.07 -5.62 -21.36
C2 NAG C . -17.19 -5.97 -22.37
C3 NAG C . -16.85 -7.18 -23.25
C4 NAG C . -15.44 -7.06 -23.82
C5 NAG C . -14.45 -6.78 -22.71
C6 NAG C . -13.00 -6.75 -23.23
C7 NAG C . -19.46 -5.31 -21.74
C8 NAG C . -20.86 -5.87 -21.63
N2 NAG C . -18.46 -6.18 -21.67
O3 NAG C . -17.77 -7.31 -24.32
O4 NAG C . -15.12 -8.26 -24.50
O5 NAG C . -14.79 -5.59 -22.03
O6 NAG C . -12.82 -5.72 -24.17
O7 NAG C . -19.29 -4.09 -21.89
C1 NAG D . -9.07 11.81 -4.81
C2 NAG D . -8.51 11.50 -6.19
C3 NAG D . -6.96 11.37 -6.23
C4 NAG D . -6.20 12.05 -5.07
C5 NAG D . -6.99 12.02 -3.75
C6 NAG D . -6.28 12.68 -2.56
C7 NAG D . -9.23 9.91 -7.93
C8 NAG D . -8.85 8.48 -8.26
N2 NAG D . -9.14 10.26 -6.65
O3 NAG D . -6.48 11.90 -7.45
O4 NAG D . -4.93 11.45 -4.90
O5 NAG D . -8.23 12.65 -4.02
O6 NAG D . -5.71 13.94 -2.90
O7 NAG D . -9.62 10.68 -8.82
NA NA E . -16.19 -6.86 -17.02
C FMT F . 17.06 18.98 8.79
O1 FMT F . 17.55 19.16 7.65
O2 FMT F . 17.37 19.66 9.80
C FMT G . 14.73 2.13 -11.99
O1 FMT G . 15.53 1.22 -11.78
O2 FMT G . 14.12 2.65 -11.07
C FMT H . 16.37 14.18 21.91
O1 FMT H . 16.92 13.08 22.15
O2 FMT H . 15.19 14.25 21.50
C FMT I . -21.30 1.86 9.13
O1 FMT I . -21.30 2.26 7.95
O2 FMT I . -21.55 0.68 9.41
C FMT J . -6.94 4.60 16.49
O1 FMT J . -7.42 3.93 17.39
O2 FMT J . -7.18 5.81 16.37
C FMT K . -14.36 -15.51 -19.62
O1 FMT K . -14.15 -14.37 -20.05
O2 FMT K . -15.50 -15.88 -19.30
C FMT L . -13.61 -5.41 12.43
O1 FMT L . -14.32 -6.29 12.95
O2 FMT L . -13.03 -4.56 13.12
C FMT M . -23.46 4.32 -0.72
O1 FMT M . -22.86 5.36 -1.17
O2 FMT M . -23.36 3.92 0.48
#